data_8BPL
#
_entry.id   8BPL
#
_cell.length_a   139.410
_cell.length_b   139.410
_cell.length_c   139.410
_cell.angle_alpha   90.000
_cell.angle_beta   90.000
_cell.angle_gamma   90.000
#
_symmetry.space_group_name_H-M   'P 43 3 2'
#
loop_
_entity.id
_entity.type
_entity.pdbx_description
1 polymer 'Carbamoyl-phosphate synthase (glutamine-hydrolyzing)'
2 non-polymer 'PHOSPHORIC ACID MONO(FORMAMIDE)ESTER'
3 non-polymer GLYCEROL
4 non-polymer 'SUCCINIC ACID'
5 water water
#
_entity_poly.entity_id   1
_entity_poly.type   'polypeptide(L)'
_entity_poly.pdbx_seq_one_letter_code
;SPLQEMLAAPSSFKKSHVLSVTQFTRADLHLLFQIAQEMRLGVQREGVLDILRGKVLCTLFYEPSTRTSASFDAAMQRLG
GRTIPIQTSTSSVQKGETLQDTLRTLACYSDAIVLRHPDEKCVDVAKKYCPVPVINGGNGSKEHPTQAFLDLFTIREELG
TMQGLTITFVGDLLYGRPVHSLVYLLRHYQVKVQLVSPKALRLPPAVRQQLVDAGQLLCESEALTPEILGRTDVLYCTRV
QKERFPSLAEFEAVKDSYRIDYSTLKYAKPTTVVMHPLPRNEEVAEEVDFDQRAAYFRQMCYGLYCRMALLALVMS
;
_entity_poly.pdbx_strand_id   A
#
loop_
_chem_comp.id
_chem_comp.type
_chem_comp.name
_chem_comp.formula
CP non-polymer 'PHOSPHORIC ACID MONO(FORMAMIDE)ESTER' 'C H4 N O5 P'
GOL non-polymer GLYCEROL 'C3 H8 O3'
SIN non-polymer 'SUCCINIC ACID' 'C4 H6 O4'
#
# COMPACT_ATOMS: atom_id res chain seq x y z
N SER A 1 -22.42 -15.99 12.50
CA SER A 1 -21.12 -15.42 12.77
C SER A 1 -20.85 -14.45 11.62
N PRO A 2 -20.73 -13.16 11.95
CA PRO A 2 -20.66 -12.15 10.87
C PRO A 2 -19.50 -12.43 9.94
N LEU A 3 -18.34 -12.71 10.51
CA LEU A 3 -17.15 -12.92 9.69
C LEU A 3 -17.24 -14.21 8.89
N GLN A 4 -17.79 -15.26 9.49
CA GLN A 4 -17.91 -16.54 8.79
C GLN A 4 -18.80 -16.40 7.56
N GLU A 5 -19.86 -15.59 7.68
CA GLU A 5 -20.75 -15.36 6.55
C GLU A 5 -20.05 -14.63 5.42
N MET A 6 -19.28 -13.59 5.75
CA MET A 6 -18.58 -12.84 4.73
C MET A 6 -17.53 -13.70 4.06
N LEU A 7 -16.81 -14.51 4.85
CA LEU A 7 -15.73 -15.32 4.30
C LEU A 7 -16.26 -16.45 3.43
N ALA A 8 -17.52 -16.79 3.59
CA ALA A 8 -18.15 -17.82 2.76
C ALA A 8 -18.61 -17.31 1.41
N ALA A 9 -18.76 -15.99 1.27
CA ALA A 9 -19.23 -15.43 0.00
C ALA A 9 -18.17 -15.60 -1.09
N PRO A 10 -18.59 -15.50 -2.36
CA PRO A 10 -17.62 -15.59 -3.46
C PRO A 10 -16.69 -14.41 -3.48
N SER A 11 -15.45 -14.66 -3.93
CA SER A 11 -14.45 -13.61 -3.97
C SER A 11 -13.36 -13.98 -4.96
N SER A 12 -12.99 -13.01 -5.80
CA SER A 12 -11.85 -13.19 -6.69
C SER A 12 -10.54 -13.43 -5.97
N PHE A 13 -10.47 -13.11 -4.69
CA PHE A 13 -9.22 -13.34 -3.98
C PHE A 13 -9.01 -14.82 -3.61
N LYS A 14 -10.07 -15.63 -3.59
CA LYS A 14 -9.94 -16.96 -3.02
C LYS A 14 -9.03 -17.82 -3.91
N LYS A 15 -7.98 -18.37 -3.29
CA LYS A 15 -7.05 -19.29 -3.97
C LYS A 15 -6.31 -18.62 -5.13
N SER A 16 -6.17 -17.30 -5.07
CA SER A 16 -5.63 -16.47 -6.14
C SER A 16 -4.26 -15.91 -5.79
N HIS A 17 -3.42 -15.78 -6.81
CA HIS A 17 -2.29 -14.88 -6.70
C HIS A 17 -2.79 -13.46 -6.54
N VAL A 18 -2.04 -12.64 -5.81
CA VAL A 18 -2.39 -11.22 -5.63
C VAL A 18 -1.20 -10.42 -6.14
N LEU A 19 -1.21 -10.14 -7.44
CA LEU A 19 -0.04 -9.60 -8.12
C LEU A 19 -0.22 -8.17 -8.58
N SER A 20 -1.44 -7.79 -8.93
CA SER A 20 -1.72 -6.47 -9.48
C SER A 20 -3.09 -5.99 -9.07
N VAL A 21 -3.20 -4.67 -8.83
CA VAL A 21 -4.51 -4.10 -8.61
C VAL A 21 -5.45 -4.31 -9.80
N THR A 22 -4.92 -4.56 -10.99
CA THR A 22 -5.75 -4.75 -12.18
C THR A 22 -6.51 -6.07 -12.19
N GLN A 23 -6.21 -6.97 -11.25
CA GLN A 23 -6.94 -8.23 -11.15
C GLN A 23 -8.30 -8.10 -10.50
N PHE A 24 -8.55 -7.00 -9.77
CA PHE A 24 -9.67 -6.97 -8.83
C PHE A 24 -10.65 -5.83 -9.11
N THR A 25 -11.90 -6.11 -8.80
CA THR A 25 -13.03 -5.22 -9.10
C THR A 25 -13.37 -4.38 -7.87
N ARG A 26 -14.20 -3.37 -8.11
CA ARG A 26 -14.71 -2.58 -6.99
C ARG A 26 -15.44 -3.47 -5.99
N ALA A 27 -16.23 -4.41 -6.48
CA ALA A 27 -16.95 -5.31 -5.59
C ALA A 27 -15.99 -6.18 -4.79
N ASP A 28 -14.89 -6.63 -5.41
CA ASP A 28 -13.88 -7.40 -4.69
C ASP A 28 -13.36 -6.60 -3.50
N LEU A 29 -13.06 -5.33 -3.73
CA LEU A 29 -12.45 -4.51 -2.69
C LEU A 29 -13.46 -4.15 -1.63
N HIS A 30 -14.73 -3.94 -1.99
CA HIS A 30 -15.71 -3.64 -0.97
C HIS A 30 -15.87 -4.81 0.01
N LEU A 31 -15.89 -6.04 -0.49
CA LEU A 31 -15.95 -7.22 0.39
C LEU A 31 -14.70 -7.30 1.26
N LEU A 32 -13.53 -7.06 0.66
CA LEU A 32 -12.29 -7.08 1.42
C LEU A 32 -12.39 -6.11 2.60
N PHE A 33 -12.88 -4.91 2.33
CA PHE A 33 -12.91 -3.88 3.35
C PHE A 33 -13.95 -4.21 4.40
N GLN A 34 -15.07 -4.81 4.01
CA GLN A 34 -16.06 -5.21 5.00
C GLN A 34 -15.47 -6.25 5.94
N ILE A 35 -14.73 -7.20 5.39
CA ILE A 35 -14.08 -8.20 6.22
C ILE A 35 -13.03 -7.56 7.10
N ALA A 36 -12.29 -6.59 6.58
CA ALA A 36 -11.24 -5.95 7.38
C ALA A 36 -11.82 -5.31 8.63
N GLN A 37 -12.98 -4.68 8.51
CA GLN A 37 -13.62 -4.08 9.67
C GLN A 37 -13.97 -5.14 10.70
N GLU A 38 -14.44 -6.29 10.23
CA GLU A 38 -14.79 -7.36 11.17
C GLU A 38 -13.53 -7.96 11.77
N MET A 39 -12.43 -7.99 11.01
CA MET A 39 -11.18 -8.48 11.58
C MET A 39 -10.75 -7.60 12.75
N ARG A 40 -10.88 -6.29 12.58
CA ARG A 40 -10.52 -5.37 13.64
C ARG A 40 -11.36 -5.61 14.88
N LEU A 41 -12.67 -5.79 14.71
CA LEU A 41 -13.51 -6.07 15.87
C LEU A 41 -13.12 -7.38 16.54
N GLY A 42 -12.81 -8.41 15.74
CA GLY A 42 -12.38 -9.69 16.29
C GLY A 42 -11.10 -9.58 17.09
N VAL A 43 -10.11 -8.85 16.56
CA VAL A 43 -8.83 -8.67 17.24
C VAL A 43 -9.02 -7.90 18.53
N GLN A 44 -9.88 -6.89 18.51
CA GLN A 44 -10.18 -6.12 19.71
C GLN A 44 -10.74 -7.05 20.79
N ARG A 45 -11.55 -8.04 20.38
CA ARG A 45 -12.20 -8.93 21.34
C ARG A 45 -11.31 -10.07 21.78
N GLU A 46 -10.55 -10.67 20.83
CA GLU A 46 -9.86 -11.95 21.03
C GLU A 46 -8.35 -11.89 20.86
N GLY A 47 -7.81 -10.84 20.23
CA GLY A 47 -6.37 -10.76 19.98
C GLY A 47 -5.89 -11.63 18.83
N VAL A 48 -6.10 -12.94 18.95
CA VAL A 48 -5.73 -13.94 17.96
C VAL A 48 -6.99 -14.76 17.67
N LEU A 49 -7.40 -14.75 16.42
CA LEU A 49 -8.62 -15.43 15.99
C LEU A 49 -8.34 -16.88 15.60
N ASP A 50 -9.40 -17.59 15.27
CA ASP A 50 -9.37 -18.98 14.86
C ASP A 50 -10.00 -19.04 13.46
N ILE A 51 -9.24 -18.58 12.47
CA ILE A 51 -9.68 -18.52 11.08
C ILE A 51 -8.78 -19.37 10.19
N LEU A 52 -7.45 -19.20 10.33
CA LEU A 52 -6.46 -19.93 9.54
C LEU A 52 -5.55 -20.83 10.39
N ARG A 53 -6.09 -21.52 11.42
CA ARG A 53 -5.25 -22.30 12.35
C ARG A 53 -4.42 -23.38 11.64
N GLY A 54 -4.86 -23.92 10.54
CA GLY A 54 -4.10 -25.02 9.96
C GLY A 54 -3.25 -24.58 8.78
N LYS A 55 -3.04 -23.27 8.64
CA LYS A 55 -2.37 -22.73 7.47
C LYS A 55 -1.04 -22.08 7.84
N VAL A 56 -0.11 -22.08 6.87
CA VAL A 56 1.27 -21.64 7.05
C VAL A 56 1.61 -20.66 5.93
N LEU A 57 2.11 -19.48 6.31
CA LEU A 57 2.49 -18.44 5.37
C LEU A 57 3.99 -18.27 5.41
N CYS A 58 4.61 -18.19 4.26
N CYS A 58 4.63 -18.30 4.24
CA CYS A 58 6.02 -17.90 4.18
CA CYS A 58 6.04 -17.90 4.14
C CYS A 58 6.21 -16.49 3.63
C CYS A 58 6.11 -16.44 3.72
N THR A 59 7.07 -15.70 4.27
CA THR A 59 7.40 -14.36 3.77
C THR A 59 8.82 -14.39 3.24
N LEU A 60 9.01 -13.77 2.07
CA LEU A 60 10.26 -13.90 1.29
C LEU A 60 10.60 -12.54 0.73
N PHE A 61 11.42 -11.78 1.50
CA PHE A 61 11.74 -10.39 1.16
C PHE A 61 13.21 -10.31 0.77
N TYR A 62 13.47 -9.99 -0.49
CA TYR A 62 14.82 -9.78 -1.03
C TYR A 62 15.29 -8.33 -0.90
N GLU A 63 14.39 -7.44 -0.49
CA GLU A 63 14.66 -6.03 -0.28
C GLU A 63 14.17 -5.65 1.11
N PRO A 64 14.72 -4.60 1.71
CA PRO A 64 14.32 -4.23 3.08
C PRO A 64 12.84 -3.94 3.20
N SER A 65 12.29 -4.25 4.37
CA SER A 65 10.90 -3.96 4.68
C SER A 65 10.71 -3.96 6.19
N THR A 66 9.94 -3.00 6.68
CA THR A 66 9.38 -3.14 8.02
C THR A 66 7.87 -3.34 7.98
N ARG A 67 7.11 -2.41 7.36
CA ARG A 67 5.66 -2.51 7.36
C ARG A 67 5.17 -3.81 6.72
N THR A 68 5.59 -4.04 5.48
CA THR A 68 4.96 -5.09 4.68
C THR A 68 5.30 -6.47 5.24
N SER A 69 6.57 -6.71 5.57
CA SER A 69 6.99 -7.98 6.15
CA SER A 69 6.89 -8.03 6.09
C SER A 69 6.34 -8.24 7.50
N ALA A 70 6.40 -7.24 8.38
CA ALA A 70 5.92 -7.47 9.74
C ALA A 70 4.39 -7.55 9.77
N SER A 71 3.71 -6.70 8.97
CA SER A 71 2.26 -6.69 9.01
C SER A 71 1.69 -7.99 8.47
N PHE A 72 2.34 -8.60 7.49
CA PHE A 72 1.83 -9.88 6.99
C PHE A 72 2.09 -10.98 8.01
N ASP A 73 3.24 -10.96 8.68
CA ASP A 73 3.50 -11.90 9.77
C ASP A 73 2.42 -11.78 10.86
N ALA A 74 2.24 -10.56 11.38
CA ALA A 74 1.23 -10.29 12.39
C ALA A 74 -0.18 -10.65 11.93
N ALA A 75 -0.53 -10.32 10.68
CA ALA A 75 -1.87 -10.64 10.19
C ALA A 75 -2.12 -12.13 10.19
N MET A 76 -1.16 -12.90 9.70
CA MET A 76 -1.29 -14.35 9.66
C MET A 76 -1.41 -14.93 11.06
N GLN A 77 -0.54 -14.50 11.95
CA GLN A 77 -0.57 -15.05 13.30
C GLN A 77 -1.86 -14.63 14.01
N ARG A 78 -2.35 -13.41 13.76
CA ARG A 78 -3.60 -12.97 14.40
C ARG A 78 -4.83 -13.62 13.79
N LEU A 79 -4.69 -14.29 12.63
CA LEU A 79 -5.72 -15.20 12.11
C LEU A 79 -5.61 -16.60 12.71
N GLY A 80 -4.60 -16.86 13.52
CA GLY A 80 -4.37 -18.16 14.10
C GLY A 80 -3.43 -19.02 13.30
N GLY A 81 -2.95 -18.51 12.17
CA GLY A 81 -2.04 -19.22 11.33
C GLY A 81 -0.63 -19.19 11.85
N ARG A 82 0.25 -19.83 11.08
CA ARG A 82 1.67 -19.92 11.38
C ARG A 82 2.45 -19.18 10.31
N THR A 83 3.59 -18.62 10.70
N THR A 83 3.62 -18.68 10.65
CA THR A 83 4.42 -17.92 9.73
CA THR A 83 4.41 -17.90 9.71
C THR A 83 5.85 -18.46 9.73
C THR A 83 5.87 -18.34 9.74
N ILE A 84 6.46 -18.43 8.55
CA ILE A 84 7.88 -18.76 8.39
C ILE A 84 8.56 -17.62 7.64
N PRO A 85 9.19 -16.69 8.34
CA PRO A 85 9.88 -15.58 7.66
C PRO A 85 11.25 -16.06 7.17
N ILE A 86 11.48 -15.91 5.90
CA ILE A 86 12.72 -16.40 5.29
C ILE A 86 13.71 -15.26 5.24
N GLN A 87 14.89 -15.47 5.84
CA GLN A 87 15.95 -14.46 5.73
C GLN A 87 16.81 -14.73 4.50
N THR A 88 16.57 -13.95 3.43
CA THR A 88 17.22 -14.25 2.16
C THR A 88 18.73 -14.11 2.26
N SER A 89 19.21 -13.16 3.07
N SER A 89 19.20 -13.20 3.11
CA SER A 89 20.64 -12.92 3.20
CA SER A 89 20.62 -12.93 3.24
C SER A 89 21.41 -14.13 3.75
C SER A 89 21.40 -14.15 3.72
N THR A 90 20.74 -15.06 4.42
CA THR A 90 21.38 -16.28 4.92
C THR A 90 20.71 -17.52 4.38
N SER A 91 20.01 -17.40 3.27
CA SER A 91 19.38 -18.55 2.62
C SER A 91 20.29 -19.08 1.51
N SER A 92 19.85 -20.15 0.84
CA SER A 92 20.63 -20.64 -0.30
C SER A 92 20.58 -19.73 -1.52
N VAL A 93 19.83 -18.63 -1.46
CA VAL A 93 20.03 -17.56 -2.44
C VAL A 93 21.51 -17.17 -2.48
N GLN A 94 22.20 -17.27 -1.33
CA GLN A 94 23.60 -16.89 -1.23
C GLN A 94 24.51 -17.88 -1.95
N LYS A 95 23.99 -19.07 -2.27
CA LYS A 95 24.70 -20.09 -3.03
C LYS A 95 24.24 -20.11 -4.47
N GLY A 96 23.54 -19.07 -4.91
CA GLY A 96 23.15 -18.96 -6.30
C GLY A 96 21.74 -19.38 -6.64
N GLU A 97 20.91 -19.75 -5.66
CA GLU A 97 19.62 -20.33 -5.99
C GLU A 97 18.69 -19.30 -6.65
N THR A 98 18.08 -19.71 -7.75
CA THR A 98 17.18 -18.79 -8.45
C THR A 98 15.88 -18.56 -7.66
N LEU A 99 15.18 -17.48 -8.04
CA LEU A 99 13.89 -17.16 -7.45
C LEU A 99 12.92 -18.30 -7.67
N GLN A 100 12.87 -18.84 -8.89
CA GLN A 100 11.89 -19.90 -9.14
C GLN A 100 12.21 -21.16 -8.37
N ASP A 101 13.48 -21.46 -8.13
CA ASP A 101 13.79 -22.59 -7.25
C ASP A 101 13.40 -22.28 -5.80
N THR A 102 13.67 -21.06 -5.32
CA THR A 102 13.30 -20.70 -3.97
C THR A 102 11.79 -20.78 -3.76
N LEU A 103 11.00 -20.27 -4.71
CA LEU A 103 9.55 -20.33 -4.57
C LEU A 103 9.03 -21.77 -4.55
N ARG A 104 9.54 -22.63 -5.43
CA ARG A 104 9.08 -24.03 -5.44
C ARG A 104 9.53 -24.76 -4.18
N THR A 105 10.67 -24.36 -3.62
CA THR A 105 11.11 -24.94 -2.34
C THR A 105 10.11 -24.61 -1.24
N LEU A 106 9.82 -23.30 -1.07
CA LEU A 106 8.98 -22.84 0.02
C LEU A 106 7.53 -23.28 -0.15
N ALA A 107 7.09 -23.48 -1.40
CA ALA A 107 5.76 -24.02 -1.65
C ALA A 107 5.59 -25.46 -1.13
N CYS A 108 6.67 -26.21 -0.96
CA CYS A 108 6.58 -27.47 -0.26
C CYS A 108 6.24 -27.40 1.20
N TYR A 109 6.46 -26.25 1.84
CA TYR A 109 6.34 -26.12 3.27
C TYR A 109 5.17 -25.26 3.68
N SER A 110 4.72 -24.37 2.80
CA SER A 110 3.78 -23.31 3.16
C SER A 110 2.62 -23.33 2.17
N ASP A 111 1.55 -22.66 2.57
CA ASP A 111 0.33 -22.59 1.80
C ASP A 111 0.21 -21.34 0.93
N ALA A 112 1.03 -20.34 1.18
CA ALA A 112 1.08 -19.13 0.38
C ALA A 112 2.41 -18.45 0.70
N ILE A 113 2.85 -17.57 -0.21
CA ILE A 113 4.11 -16.84 -0.07
C ILE A 113 3.88 -15.37 -0.36
N VAL A 114 4.38 -14.51 0.53
CA VAL A 114 4.50 -13.07 0.25
C VAL A 114 5.90 -12.81 -0.28
N LEU A 115 5.99 -12.19 -1.46
CA LEU A 115 7.26 -11.96 -2.14
C LEU A 115 7.52 -10.48 -2.36
N ARG A 116 8.71 -10.03 -1.99
CA ARG A 116 9.22 -8.73 -2.45
C ARG A 116 10.57 -9.00 -3.11
N HIS A 117 10.74 -8.52 -4.34
CA HIS A 117 11.93 -8.86 -5.11
C HIS A 117 12.26 -7.70 -6.04
N PRO A 118 13.54 -7.45 -6.33
CA PRO A 118 13.90 -6.27 -7.15
C PRO A 118 13.59 -6.36 -8.65
N ASP A 119 13.18 -7.51 -9.19
N ASP A 119 13.23 -7.53 -9.18
CA ASP A 119 12.91 -7.66 -10.62
CA ASP A 119 12.88 -7.69 -10.58
C ASP A 119 11.42 -7.52 -10.86
C ASP A 119 11.39 -7.42 -10.75
N GLU A 120 11.03 -6.49 -11.65
CA GLU A 120 9.60 -6.31 -11.97
C GLU A 120 8.96 -7.62 -12.44
N LYS A 121 9.72 -8.45 -13.17
CA LYS A 121 9.20 -9.70 -13.69
C LYS A 121 9.09 -10.82 -12.67
N CYS A 122 9.39 -10.57 -11.40
CA CYS A 122 9.25 -11.65 -10.44
C CYS A 122 7.82 -12.17 -10.39
N VAL A 123 6.82 -11.32 -10.68
CA VAL A 123 5.44 -11.77 -10.63
C VAL A 123 5.16 -12.76 -11.76
N ASP A 124 5.83 -12.60 -12.90
CA ASP A 124 5.67 -13.56 -13.99
C ASP A 124 6.35 -14.88 -13.67
N VAL A 125 7.51 -14.81 -13.02
CA VAL A 125 8.19 -16.00 -12.54
C VAL A 125 7.29 -16.77 -11.56
N ALA A 126 6.70 -16.05 -10.62
CA ALA A 126 5.80 -16.67 -9.65
C ALA A 126 4.61 -17.34 -10.35
N LYS A 127 3.99 -16.64 -11.29
CA LYS A 127 2.81 -17.21 -11.96
C LYS A 127 3.19 -18.48 -12.71
N LYS A 128 4.35 -18.50 -13.33
CA LYS A 128 4.76 -19.64 -14.16
C LYS A 128 5.08 -20.86 -13.32
N TYR A 129 5.77 -20.67 -12.20
CA TYR A 129 6.37 -21.77 -11.49
C TYR A 129 5.79 -22.10 -10.13
N CYS A 130 5.19 -21.15 -9.40
CA CYS A 130 4.87 -21.39 -8.00
C CYS A 130 3.51 -22.03 -7.87
N PRO A 131 3.40 -23.22 -7.27
CA PRO A 131 2.11 -23.91 -7.19
C PRO A 131 1.25 -23.53 -5.99
N VAL A 132 1.63 -22.52 -5.21
CA VAL A 132 0.78 -21.95 -4.17
C VAL A 132 0.59 -20.47 -4.45
N PRO A 133 -0.44 -19.85 -3.85
CA PRO A 133 -0.63 -18.40 -4.07
C PRO A 133 0.57 -17.59 -3.64
N VAL A 134 0.90 -16.62 -4.48
CA VAL A 134 1.91 -15.61 -4.19
C VAL A 134 1.25 -14.24 -4.09
N ILE A 135 1.60 -13.52 -3.04
CA ILE A 135 1.14 -12.16 -2.79
C ILE A 135 2.33 -11.23 -3.05
N ASN A 136 2.15 -10.30 -3.97
CA ASN A 136 3.20 -9.36 -4.39
C ASN A 136 3.31 -8.26 -3.33
N GLY A 137 4.40 -8.29 -2.57
CA GLY A 137 4.76 -7.24 -1.63
C GLY A 137 5.68 -6.18 -2.18
N GLY A 138 5.90 -6.21 -3.50
CA GLY A 138 6.68 -5.22 -4.23
C GLY A 138 7.55 -5.87 -5.30
N ASN A 139 7.30 -5.57 -6.58
CA ASN A 139 8.05 -6.17 -7.69
C ASN A 139 8.84 -5.07 -8.42
N GLY A 140 10.13 -4.96 -8.08
CA GLY A 140 10.95 -3.89 -8.62
C GLY A 140 10.30 -2.54 -8.40
N SER A 141 9.59 -2.43 -7.30
CA SER A 141 8.82 -1.26 -6.90
C SER A 141 7.76 -0.84 -7.90
N LYS A 142 7.37 -1.71 -8.83
CA LYS A 142 6.39 -1.34 -9.87
C LYS A 142 4.97 -1.36 -9.32
N GLU A 143 4.61 -2.43 -8.62
CA GLU A 143 3.32 -2.53 -7.96
C GLU A 143 3.51 -3.03 -6.53
N HIS A 144 2.50 -2.78 -5.72
CA HIS A 144 2.46 -3.11 -4.31
C HIS A 144 0.98 -3.16 -3.97
N PRO A 145 0.26 -4.20 -4.41
CA PRO A 145 -1.21 -4.07 -4.42
C PRO A 145 -1.81 -3.89 -3.04
N THR A 146 -1.27 -4.57 -2.01
CA THR A 146 -1.88 -4.44 -0.69
C THR A 146 -1.60 -3.05 -0.08
N GLN A 147 -0.54 -2.37 -0.50
CA GLN A 147 -0.38 -0.98 -0.11
C GLN A 147 -1.51 -0.14 -0.70
N ALA A 148 -1.87 -0.41 -1.96
CA ALA A 148 -2.94 0.33 -2.60
C ALA A 148 -4.27 0.05 -1.90
N PHE A 149 -4.51 -1.23 -1.57
CA PHE A 149 -5.75 -1.59 -0.89
C PHE A 149 -5.85 -0.85 0.43
N LEU A 150 -4.77 -0.87 1.23
CA LEU A 150 -4.84 -0.23 2.54
C LEU A 150 -4.88 1.27 2.43
N ASP A 151 -4.25 1.86 1.40
CA ASP A 151 -4.36 3.31 1.18
C ASP A 151 -5.81 3.69 0.94
N LEU A 152 -6.49 2.96 0.05
CA LEU A 152 -7.91 3.26 -0.21
C LEU A 152 -8.76 3.05 1.04
N PHE A 153 -8.52 1.94 1.77
CA PHE A 153 -9.25 1.67 3.00
C PHE A 153 -9.09 2.81 4.00
N THR A 154 -7.86 3.32 4.10
CA THR A 154 -7.57 4.42 5.03
C THR A 154 -8.43 5.63 4.70
N ILE A 155 -8.52 5.97 3.42
CA ILE A 155 -9.35 7.11 3.02
C ILE A 155 -10.80 6.89 3.43
N ARG A 156 -11.34 5.72 3.11
CA ARG A 156 -12.73 5.43 3.46
C ARG A 156 -12.96 5.46 4.97
N GLU A 157 -12.00 4.92 5.74
CA GLU A 157 -12.19 4.83 7.17
C GLU A 157 -12.10 6.23 7.81
N GLU A 158 -11.19 7.05 7.30
CA GLU A 158 -10.96 8.36 7.88
C GLU A 158 -12.06 9.34 7.53
N LEU A 159 -12.56 9.31 6.28
CA LEU A 159 -13.49 10.33 5.79
C LEU A 159 -14.89 9.81 5.46
N GLY A 160 -15.10 8.51 5.38
CA GLY A 160 -16.40 8.03 4.94
C GLY A 160 -16.57 7.97 3.42
N THR A 161 -17.56 8.67 2.89
CA THR A 161 -17.83 8.55 1.47
C THR A 161 -16.70 9.10 0.62
N MET A 162 -16.39 8.40 -0.48
CA MET A 162 -15.45 8.92 -1.45
C MET A 162 -16.03 10.05 -2.29
N GLN A 163 -17.36 10.13 -2.42
CA GLN A 163 -17.97 11.07 -3.33
C GLN A 163 -17.54 12.49 -2.96
N GLY A 164 -17.01 13.21 -3.92
CA GLY A 164 -16.73 14.61 -3.72
C GLY A 164 -15.40 14.93 -3.06
N LEU A 165 -14.59 13.92 -2.75
CA LEU A 165 -13.30 14.23 -2.12
C LEU A 165 -12.31 14.77 -3.14
N THR A 166 -11.41 15.63 -2.65
CA THR A 166 -10.26 16.09 -3.43
C THR A 166 -9.02 15.48 -2.80
N ILE A 167 -8.24 14.77 -3.63
CA ILE A 167 -7.04 14.07 -3.20
C ILE A 167 -5.87 14.79 -3.84
N THR A 168 -4.90 15.19 -3.02
CA THR A 168 -3.72 15.90 -3.49
C THR A 168 -2.50 15.02 -3.26
N PHE A 169 -1.83 14.62 -4.36
CA PHE A 169 -0.61 13.82 -4.31
C PHE A 169 0.56 14.80 -4.38
N VAL A 170 1.53 14.64 -3.48
N VAL A 170 1.52 14.64 -3.48
CA VAL A 170 2.67 15.54 -3.44
CA VAL A 170 2.67 15.53 -3.41
C VAL A 170 3.98 14.77 -3.33
C VAL A 170 3.95 14.71 -3.37
N GLY A 171 4.94 15.16 -4.15
CA GLY A 171 6.29 14.67 -4.07
C GLY A 171 6.80 14.10 -5.38
N ASP A 172 7.25 12.86 -5.36
CA ASP A 172 7.77 12.19 -6.56
C ASP A 172 6.64 11.35 -7.14
N LEU A 173 5.98 11.86 -8.16
CA LEU A 173 4.82 11.20 -8.74
C LEU A 173 5.20 10.38 -9.93
N LEU A 174 6.49 10.33 -10.24
CA LEU A 174 7.02 9.52 -11.32
C LEU A 174 7.51 8.18 -10.82
N TYR A 175 8.34 8.19 -9.78
CA TYR A 175 8.86 6.98 -9.18
C TYR A 175 7.99 6.51 -8.02
N GLY A 176 7.09 7.34 -7.54
CA GLY A 176 6.15 6.98 -6.48
C GLY A 176 4.99 6.16 -7.00
N ARG A 177 5.26 4.92 -7.31
CA ARG A 177 4.25 4.07 -7.94
C ARG A 177 3.05 3.80 -7.05
N PRO A 178 3.13 3.90 -5.72
CA PRO A 178 1.87 3.79 -4.94
C PRO A 178 0.85 4.81 -5.36
N VAL A 179 1.28 5.97 -5.84
CA VAL A 179 0.35 6.96 -6.37
C VAL A 179 -0.39 6.38 -7.57
N HIS A 180 0.35 5.75 -8.47
CA HIS A 180 -0.25 5.22 -9.69
C HIS A 180 -1.25 4.11 -9.37
N SER A 181 -0.92 3.23 -8.42
CA SER A 181 -1.85 2.18 -8.05
C SER A 181 -3.11 2.75 -7.43
N LEU A 182 -2.96 3.79 -6.59
CA LEU A 182 -4.14 4.38 -5.95
C LEU A 182 -4.99 5.11 -6.98
N VAL A 183 -4.37 5.77 -7.96
CA VAL A 183 -5.12 6.38 -9.06
C VAL A 183 -6.00 5.34 -9.74
N TYR A 184 -5.44 4.15 -10.00
CA TYR A 184 -6.23 3.09 -10.63
C TYR A 184 -7.43 2.69 -9.78
N LEU A 185 -7.22 2.49 -8.47
CA LEU A 185 -8.33 2.13 -7.59
C LEU A 185 -9.36 3.25 -7.48
N LEU A 186 -8.96 4.50 -7.69
CA LEU A 186 -9.87 5.64 -7.58
C LEU A 186 -10.75 5.84 -8.81
N ARG A 187 -10.53 5.08 -9.87
CA ARG A 187 -11.22 5.33 -11.14
C ARG A 187 -12.72 5.18 -11.05
N HIS A 188 -13.24 4.44 -10.05
CA HIS A 188 -14.67 4.21 -9.86
C HIS A 188 -15.40 5.34 -9.17
N TYR A 189 -14.69 6.30 -8.56
CA TYR A 189 -15.25 7.22 -7.58
C TYR A 189 -15.27 8.64 -8.12
N GLN A 190 -16.23 9.42 -7.62
CA GLN A 190 -16.39 10.82 -8.03
C GLN A 190 -15.46 11.70 -7.19
N VAL A 191 -14.18 11.58 -7.45
CA VAL A 191 -13.15 12.33 -6.73
C VAL A 191 -12.51 13.32 -7.70
N LYS A 192 -11.78 14.28 -7.14
N LYS A 192 -11.77 14.27 -7.15
CA LYS A 192 -10.94 15.22 -7.88
CA LYS A 192 -10.95 15.18 -7.93
C LYS A 192 -9.52 15.04 -7.40
C LYS A 192 -9.52 15.08 -7.41
N VAL A 193 -8.55 15.18 -8.31
CA VAL A 193 -7.15 14.93 -7.97
C VAL A 193 -6.29 16.13 -8.35
N GLN A 194 -5.47 16.55 -7.42
CA GLN A 194 -4.44 17.58 -7.63
C GLN A 194 -3.07 16.93 -7.53
N LEU A 195 -2.16 17.31 -8.43
CA LEU A 195 -0.84 16.69 -8.56
C LEU A 195 0.25 17.74 -8.35
N VAL A 196 0.99 17.63 -7.27
CA VAL A 196 1.99 18.63 -6.89
C VAL A 196 3.34 17.95 -6.91
N SER A 197 4.21 18.37 -7.82
CA SER A 197 5.52 17.76 -7.99
C SER A 197 6.40 18.71 -8.76
N PRO A 198 7.72 18.56 -8.67
CA PRO A 198 8.59 19.16 -9.67
C PRO A 198 8.15 18.70 -11.05
N LYS A 199 8.40 19.54 -12.05
CA LYS A 199 8.06 19.15 -13.42
C LYS A 199 8.69 17.81 -13.77
N ALA A 200 9.93 17.60 -13.34
CA ALA A 200 10.64 16.37 -13.66
C ALA A 200 10.01 15.13 -13.07
N LEU A 201 9.23 15.27 -11.99
CA LEU A 201 8.68 14.09 -11.33
C LEU A 201 7.17 14.02 -11.46
N ARG A 202 6.62 14.58 -12.54
CA ARG A 202 5.20 14.45 -12.81
C ARG A 202 4.82 13.01 -13.14
N LEU A 203 3.55 12.73 -13.04
CA LEU A 203 3.04 11.44 -13.46
C LEU A 203 3.47 11.07 -14.87
N PRO A 204 3.71 9.79 -15.15
CA PRO A 204 3.87 9.36 -16.53
C PRO A 204 2.62 9.64 -17.33
N PRO A 205 2.76 9.84 -18.63
CA PRO A 205 1.60 10.29 -19.41
C PRO A 205 0.42 9.34 -19.34
N ALA A 206 0.68 8.03 -19.26
CA ALA A 206 -0.43 7.08 -19.25
C ALA A 206 -1.25 7.22 -17.97
N VAL A 207 -0.59 7.51 -16.85
CA VAL A 207 -1.31 7.65 -15.60
C VAL A 207 -2.08 8.97 -15.57
N ARG A 208 -1.46 10.05 -16.04
CA ARG A 208 -2.19 11.31 -16.20
C ARG A 208 -3.43 11.11 -17.08
N GLN A 209 -3.28 10.38 -18.17
CA GLN A 209 -4.42 10.18 -19.07
C GLN A 209 -5.52 9.36 -18.40
N GLN A 210 -5.18 8.46 -17.46
CA GLN A 210 -6.22 7.79 -16.69
C GLN A 210 -7.08 8.78 -15.92
N LEU A 211 -6.45 9.77 -15.28
CA LEU A 211 -7.21 10.77 -14.55
C LEU A 211 -8.05 11.61 -15.49
N VAL A 212 -7.50 11.96 -16.65
CA VAL A 212 -8.27 12.72 -17.64
C VAL A 212 -9.48 11.91 -18.10
N ASP A 213 -9.27 10.63 -18.40
CA ASP A 213 -10.34 9.79 -18.91
C ASP A 213 -11.47 9.63 -17.90
N ALA A 214 -11.14 9.65 -16.61
CA ALA A 214 -12.12 9.53 -15.54
C ALA A 214 -12.71 10.87 -15.12
N GLY A 215 -12.30 11.96 -15.77
CA GLY A 215 -12.81 13.27 -15.41
C GLY A 215 -12.36 13.73 -14.03
N GLN A 216 -11.19 13.28 -13.57
CA GLN A 216 -10.75 13.55 -12.22
C GLN A 216 -9.60 14.55 -12.10
N LEU A 217 -8.95 14.94 -13.18
CA LEU A 217 -7.78 15.79 -13.07
C LEU A 217 -8.20 17.23 -12.80
N LEU A 218 -7.82 17.76 -11.66
CA LEU A 218 -8.15 19.12 -11.30
C LEU A 218 -7.01 20.08 -11.60
N CYS A 219 -5.77 19.70 -11.32
CA CYS A 219 -4.64 20.57 -11.62
C CYS A 219 -3.32 19.85 -11.37
N GLU A 220 -2.30 20.31 -12.07
CA GLU A 220 -0.89 19.92 -11.91
C GLU A 220 -0.21 21.23 -11.50
N SER A 221 0.62 21.18 -10.46
CA SER A 221 1.28 22.38 -9.96
C SER A 221 2.67 21.99 -9.46
N GLU A 222 3.63 22.90 -9.64
CA GLU A 222 4.94 22.74 -9.01
C GLU A 222 4.96 23.23 -7.58
N ALA A 223 3.99 24.06 -7.19
CA ALA A 223 3.95 24.63 -5.86
C ALA A 223 2.80 24.04 -5.04
N LEU A 224 3.07 23.80 -3.77
CA LEU A 224 2.06 23.40 -2.81
C LEU A 224 1.42 24.66 -2.22
N THR A 225 0.44 25.20 -2.93
CA THR A 225 -0.06 26.52 -2.61
C THR A 225 -1.15 26.49 -1.55
N PRO A 226 -1.39 27.64 -0.88
CA PRO A 226 -2.52 27.74 0.04
C PRO A 226 -3.83 27.34 -0.59
N GLU A 227 -4.01 27.69 -1.85
CA GLU A 227 -5.28 27.40 -2.51
C GLU A 227 -5.41 25.90 -2.72
N ILE A 228 -4.33 25.24 -3.13
CA ILE A 228 -4.37 23.79 -3.30
C ILE A 228 -4.63 23.12 -1.96
N LEU A 229 -3.92 23.58 -0.93
CA LEU A 229 -4.07 22.98 0.39
C LEU A 229 -5.48 23.17 0.93
N GLY A 230 -6.06 24.35 0.71
CA GLY A 230 -7.35 24.66 1.31
C GLY A 230 -8.49 23.82 0.76
N ARG A 231 -8.33 23.27 -0.42
CA ARG A 231 -9.33 22.37 -1.00
C ARG A 231 -8.97 20.90 -0.86
N THR A 232 -7.89 20.57 -0.13
CA THR A 232 -7.45 19.18 0.00
C THR A 232 -8.18 18.43 1.09
N ASP A 233 -8.79 17.30 0.74
CA ASP A 233 -9.31 16.37 1.75
C ASP A 233 -8.31 15.30 2.16
N VAL A 234 -7.50 14.82 1.23
CA VAL A 234 -6.44 13.85 1.49
C VAL A 234 -5.16 14.40 0.91
N LEU A 235 -4.12 14.50 1.74
CA LEU A 235 -2.79 14.94 1.30
C LEU A 235 -1.88 13.71 1.35
N TYR A 236 -1.61 13.13 0.20
CA TYR A 236 -0.87 11.86 0.12
C TYR A 236 0.54 12.17 -0.34
N CYS A 237 1.53 11.94 0.54
N CYS A 237 1.53 11.91 0.52
CA CYS A 237 2.90 12.36 0.34
CA CYS A 237 2.89 12.37 0.33
C CYS A 237 3.78 11.18 -0.03
C CYS A 237 3.80 11.20 0.01
N THR A 238 4.73 11.42 -0.92
CA THR A 238 5.75 10.41 -1.23
C THR A 238 7.14 10.95 -0.95
N ARG A 239 8.08 10.03 -0.82
CA ARG A 239 9.45 10.41 -0.54
C ARG A 239 10.13 10.86 -1.82
N VAL A 240 10.90 11.95 -1.75
CA VAL A 240 11.73 12.42 -2.85
C VAL A 240 13.16 12.10 -2.46
N GLN A 241 13.85 11.37 -3.32
CA GLN A 241 15.21 10.91 -3.03
C GLN A 241 16.24 11.72 -3.79
N LYS A 242 17.44 11.80 -3.23
CA LYS A 242 18.47 12.66 -3.80
C LYS A 242 18.83 12.29 -5.23
N GLU A 243 18.65 11.02 -5.60
CA GLU A 243 19.05 10.59 -6.95
C GLU A 243 18.19 11.22 -8.03
N ARG A 244 17.06 11.83 -7.66
CA ARG A 244 16.13 12.41 -8.62
C ARG A 244 16.57 13.75 -9.18
N PHE A 245 17.66 14.33 -8.69
CA PHE A 245 18.14 15.60 -9.22
C PHE A 245 19.64 15.55 -9.41
N PRO A 246 20.15 16.15 -10.48
CA PRO A 246 21.61 16.16 -10.67
C PRO A 246 22.35 16.87 -9.56
N SER A 247 21.79 17.94 -9.00
CA SER A 247 22.50 18.70 -7.98
C SER A 247 21.83 18.57 -6.63
N LEU A 248 22.67 18.57 -5.61
CA LEU A 248 22.13 18.57 -4.25
C LEU A 248 21.36 19.86 -3.97
N ALA A 249 21.81 20.99 -4.53
CA ALA A 249 21.10 22.23 -4.25
C ALA A 249 19.64 22.16 -4.72
N GLU A 250 19.38 21.55 -5.89
CA GLU A 250 17.99 21.49 -6.36
C GLU A 250 17.19 20.52 -5.50
N PHE A 251 17.79 19.40 -5.13
CA PHE A 251 17.16 18.45 -4.22
C PHE A 251 16.71 19.13 -2.94
N GLU A 252 17.56 19.96 -2.36
CA GLU A 252 17.23 20.61 -1.10
C GLU A 252 16.13 21.64 -1.27
N ALA A 253 16.15 22.38 -2.37
CA ALA A 253 15.08 23.32 -2.64
C ALA A 253 13.74 22.61 -2.81
N VAL A 254 13.76 21.48 -3.51
CA VAL A 254 12.53 20.74 -3.74
C VAL A 254 12.00 20.23 -2.40
N LYS A 255 12.88 19.66 -1.58
CA LYS A 255 12.46 19.20 -0.27
C LYS A 255 11.83 20.33 0.53
N ASP A 256 12.49 21.49 0.56
CA ASP A 256 11.96 22.64 1.31
C ASP A 256 10.58 23.00 0.81
N SER A 257 10.36 22.89 -0.50
CA SER A 257 9.11 23.29 -1.12
C SER A 257 7.95 22.41 -0.67
N TYR A 258 8.20 21.12 -0.50
CA TYR A 258 7.14 20.12 -0.34
C TYR A 258 7.05 19.61 1.08
N ARG A 259 7.90 20.05 2.00
CA ARG A 259 7.87 19.55 3.36
C ARG A 259 6.54 19.88 4.02
N ILE A 260 5.90 18.87 4.62
CA ILE A 260 4.67 19.07 5.34
C ILE A 260 5.00 19.36 6.80
N ASP A 261 4.72 20.59 7.26
CA ASP A 261 4.91 20.95 8.66
C ASP A 261 3.73 21.82 9.10
N TYR A 262 3.83 22.44 10.27
CA TYR A 262 2.71 23.25 10.71
C TYR A 262 2.42 24.42 9.78
N SER A 263 3.44 24.95 9.10
CA SER A 263 3.20 26.05 8.16
C SER A 263 2.37 25.59 6.97
N THR A 264 2.45 24.30 6.64
CA THR A 264 1.59 23.69 5.62
C THR A 264 0.17 23.49 6.12
N LEU A 265 0.03 22.86 7.28
CA LEU A 265 -1.29 22.50 7.79
C LEU A 265 -2.14 23.72 8.07
N LYS A 266 -1.52 24.85 8.34
CA LYS A 266 -2.30 26.03 8.62
C LYS A 266 -3.19 26.39 7.43
N TYR A 267 -2.81 25.97 6.24
CA TYR A 267 -3.63 26.19 5.06
C TYR A 267 -4.57 25.04 4.73
N ALA A 268 -4.44 23.90 5.40
CA ALA A 268 -5.26 22.74 5.09
C ALA A 268 -6.62 22.86 5.77
N LYS A 269 -7.51 21.93 5.45
CA LYS A 269 -8.78 21.89 6.15
C LYS A 269 -8.59 21.33 7.57
N PRO A 270 -9.53 21.62 8.48
CA PRO A 270 -9.50 20.93 9.78
C PRO A 270 -9.66 19.42 9.66
N THR A 271 -10.21 18.92 8.56
CA THR A 271 -10.46 17.49 8.35
C THR A 271 -9.48 16.86 7.36
N THR A 272 -8.47 17.58 6.89
CA THR A 272 -7.54 17.01 5.93
C THR A 272 -6.81 15.80 6.56
N VAL A 273 -6.69 14.73 5.77
CA VAL A 273 -6.02 13.50 6.16
C VAL A 273 -4.63 13.47 5.50
N VAL A 274 -3.54 13.45 6.29
CA VAL A 274 -2.19 13.41 5.74
C VAL A 274 -1.75 11.96 5.76
N MET A 275 -1.42 11.42 4.59
CA MET A 275 -1.02 10.04 4.40
C MET A 275 0.38 9.97 3.80
N HIS A 276 1.03 8.85 4.01
CA HIS A 276 2.37 8.59 3.49
C HIS A 276 2.54 7.08 3.57
N PRO A 277 2.95 6.40 2.50
CA PRO A 277 3.08 4.93 2.60
C PRO A 277 4.19 4.49 3.54
N LEU A 278 5.20 5.34 3.77
CA LEU A 278 6.36 5.13 4.63
C LEU A 278 7.29 4.09 4.03
N PRO A 279 8.57 4.11 4.42
CA PRO A 279 9.22 5.05 5.34
C PRO A 279 9.34 6.45 4.79
N ARG A 280 9.41 7.39 5.74
CA ARG A 280 9.66 8.78 5.41
C ARG A 280 11.08 9.16 5.77
N ASN A 281 11.57 10.19 5.10
CA ASN A 281 12.73 10.93 5.59
C ASN A 281 12.19 12.17 6.29
N GLU A 282 12.49 13.35 5.77
CA GLU A 282 12.05 14.58 6.44
C GLU A 282 10.85 15.26 5.78
N GLU A 283 10.19 14.62 4.79
CA GLU A 283 9.20 15.30 3.96
C GLU A 283 7.87 15.48 4.70
N VAL A 284 7.68 14.79 5.83
CA VAL A 284 6.62 15.10 6.79
C VAL A 284 7.34 15.33 8.11
N ALA A 285 7.24 16.53 8.66
CA ALA A 285 8.00 16.93 9.83
C ALA A 285 7.50 16.23 11.09
N GLU A 286 8.45 15.90 11.96
CA GLU A 286 8.11 15.25 13.22
CA GLU A 286 8.11 15.25 13.22
C GLU A 286 7.13 16.08 14.02
N GLU A 287 7.18 17.41 13.88
CA GLU A 287 6.36 18.27 14.70
C GLU A 287 4.88 18.07 14.48
N VAL A 288 4.45 17.46 13.36
CA VAL A 288 3.01 17.26 13.16
C VAL A 288 2.54 15.85 13.52
N ASP A 289 3.41 15.00 14.07
CA ASP A 289 3.08 13.59 14.28
C ASP A 289 1.94 13.39 15.26
N PHE A 290 1.72 14.31 16.21
CA PHE A 290 0.61 14.17 17.14
C PHE A 290 -0.62 14.98 16.71
N ASP A 291 -0.61 15.56 15.51
CA ASP A 291 -1.79 16.22 14.99
C ASP A 291 -2.82 15.18 14.56
N GLN A 292 -4.09 15.48 14.83
CA GLN A 292 -5.19 14.59 14.43
CA GLN A 292 -5.19 14.60 14.43
C GLN A 292 -5.16 14.29 12.94
N ARG A 293 -4.65 15.20 12.14
CA ARG A 293 -4.64 15.04 10.70
C ARG A 293 -3.46 14.19 10.22
N ALA A 294 -2.50 13.90 11.10
CA ALA A 294 -1.40 13.00 10.74
C ALA A 294 -1.93 11.58 10.82
N ALA A 295 -2.26 11.01 9.65
CA ALA A 295 -2.91 9.71 9.59
C ALA A 295 -2.00 8.57 9.18
N TYR A 296 -0.70 8.84 8.99
CA TYR A 296 0.19 7.82 8.45
C TYR A 296 0.53 6.70 9.45
N PHE A 297 0.33 6.89 10.76
CA PHE A 297 0.42 5.75 11.69
C PHE A 297 -0.87 4.94 11.69
N ARG A 298 -2.04 5.61 11.73
CA ARG A 298 -3.30 4.89 11.59
C ARG A 298 -3.36 4.09 10.30
N GLN A 299 -2.80 4.64 9.22
CA GLN A 299 -2.75 3.99 7.91
C GLN A 299 -2.07 2.61 8.03
N MET A 300 -0.97 2.52 8.79
CA MET A 300 -0.32 1.24 8.97
C MET A 300 -1.22 0.24 9.72
N CYS A 301 -1.91 0.73 10.75
CA CYS A 301 -2.85 -0.10 11.50
C CYS A 301 -3.98 -0.60 10.60
N TYR A 302 -4.56 0.29 9.78
CA TYR A 302 -5.56 -0.18 8.82
C TYR A 302 -5.00 -1.29 7.92
N GLY A 303 -3.71 -1.20 7.61
CA GLY A 303 -3.04 -2.21 6.79
C GLY A 303 -3.04 -3.58 7.42
N LEU A 304 -2.85 -3.66 8.73
CA LEU A 304 -2.94 -4.95 9.40
C LEU A 304 -4.27 -5.62 9.12
N TYR A 305 -5.39 -4.90 9.28
CA TYR A 305 -6.70 -5.53 9.16
C TYR A 305 -7.03 -5.84 7.71
N CYS A 306 -6.58 -4.98 6.79
CA CYS A 306 -6.71 -5.26 5.37
CA CYS A 306 -6.71 -5.26 5.37
C CYS A 306 -5.98 -6.53 4.98
N ARG A 307 -4.78 -6.71 5.53
CA ARG A 307 -3.99 -7.92 5.21
C ARG A 307 -4.56 -9.16 5.89
N MET A 308 -5.14 -9.02 7.09
CA MET A 308 -5.90 -10.13 7.68
C MET A 308 -7.05 -10.55 6.78
N ALA A 309 -7.80 -9.58 6.27
CA ALA A 309 -8.90 -9.88 5.37
C ALA A 309 -8.41 -10.57 4.11
N LEU A 310 -7.29 -10.07 3.55
CA LEU A 310 -6.73 -10.64 2.33
C LEU A 310 -6.29 -12.09 2.54
N LEU A 311 -5.49 -12.33 3.56
CA LEU A 311 -4.98 -13.67 3.82
C LEU A 311 -6.11 -14.67 4.06
N ALA A 312 -7.14 -14.25 4.81
CA ALA A 312 -8.26 -15.15 5.08
C ALA A 312 -8.98 -15.53 3.78
N LEU A 313 -9.15 -14.58 2.86
CA LEU A 313 -9.78 -14.88 1.59
C LEU A 313 -8.89 -15.77 0.72
N VAL A 314 -7.62 -15.44 0.61
CA VAL A 314 -6.74 -16.17 -0.28
C VAL A 314 -6.64 -17.63 0.17
N MET A 315 -6.51 -17.84 1.48
N MET A 315 -6.50 -17.85 1.48
CA MET A 315 -6.14 -19.12 2.06
CA MET A 315 -6.17 -19.17 2.01
C MET A 315 -7.31 -19.84 2.72
C MET A 315 -7.36 -19.90 2.62
N SER A 316 -8.52 -19.30 2.69
CA SER A 316 -9.73 -19.99 3.16
C SER A 316 -10.05 -20.65 1.85
N CP B . 5.14 0.93 2.74
C CP B . 6.00 -0.15 2.72
O CP B . 5.90 -1.01 1.88
O4P CP B . 6.96 -0.07 3.73
P CP B . 8.08 -1.24 3.85
O1P CP B . 9.08 -1.01 2.73
O2P CP B . 7.39 -2.62 3.83
O3P CP B . 8.66 -0.86 5.19
HN1 CP B . 5.22 1.54 3.35
HN2 CP B . 4.52 1.01 2.14
C1 GOL C . -3.38 -19.15 -9.43
O1 GOL C . -4.23 -19.30 -10.50
C2 GOL C . -3.83 -20.07 -8.29
O2 GOL C . -3.83 -21.37 -8.60
C3 GOL C . -2.83 -19.68 -7.16
O3 GOL C . -2.30 -20.84 -6.53
H11 GOL C . -3.37 -18.23 -9.11
H12 GOL C . -2.46 -19.36 -9.66
H2 GOL C . -4.75 -19.92 -8.03
H31 GOL C . -3.29 -19.09 -6.53
H32 GOL C . -2.13 -19.13 -7.55
HO3 GOL C . -2.07 -21.39 -7.13
C1 GOL D . -1.26 0.60 -11.25
O1 GOL D . 0.01 0.60 -10.63
C2 GOL D . -1.21 0.01 -12.63
O2 GOL D . -2.49 0.05 -13.21
C3 GOL D . -0.28 0.90 -13.40
O3 GOL D . -0.97 2.14 -13.40
H11 GOL D . -1.63 1.50 -11.32
H12 GOL D . -1.91 0.09 -10.72
HO1 GOL D . 0.37 -0.14 -10.78
H2 GOL D . -0.91 -0.91 -12.61
HO2 GOL D . -2.40 0.37 -13.99
H31 GOL D . -0.12 0.54 -14.28
H32 GOL D . 0.59 0.93 -12.96
HO3 GOL D . -0.57 2.66 -12.87
C1 GOL E . 15.45 12.59 -12.94
O1 GOL E . 15.20 13.30 -14.11
C2 GOL E . 15.83 11.17 -13.38
O2 GOL E . 16.30 10.40 -12.32
C3 GOL E . 14.52 10.56 -13.91
O3 GOL E . 13.65 11.60 -14.24
H11 GOL E . 14.69 12.54 -12.35
H12 GOL E . 16.18 12.96 -12.42
H2 GOL E . 16.52 11.21 -14.05
HO2 GOL E . 16.26 9.58 -12.53
H31 GOL E . 14.16 9.96 -13.24
H32 GOL E . 14.74 9.98 -14.66
HO3 GOL E . 13.31 11.41 -14.99
C1 GOL F . -15.12 15.47 3.53
O1 GOL F . -16.11 14.69 2.85
C2 GOL F . -15.74 16.85 3.70
O2 GOL F . -15.97 17.47 2.49
C3 GOL F . -14.74 17.63 4.58
O3 GOL F . -15.28 18.94 4.76
H11 GOL F . -14.29 15.54 3.03
H12 GOL F . -14.87 15.10 4.40
HO1 GOL F . -15.96 14.77 2.00
H2 GOL F . -16.59 16.79 4.15
HO2 GOL F . -15.32 17.29 1.97
H31 GOL F . -13.88 17.63 4.14
H32 GOL F . -14.60 17.15 5.40
HO3 GOL F . -14.62 19.48 4.84
C1 GOL G . 10.96 -11.95 5.43
O1 GOL G . 11.68 -12.34 4.26
C2 GOL G . 12.05 -11.58 6.52
O2 GOL G . 12.99 -10.63 6.10
C3 GOL G . 11.25 -11.05 7.75
O3 GOL G . 12.10 -11.14 8.93
H11 GOL G . 10.39 -12.65 5.77
H12 GOL G . 10.39 -11.19 5.28
HO1 GOL G . 11.81 -13.18 4.30
H2 GOL G . 12.56 -12.38 6.72
HO2 GOL G . 13.31 -10.23 6.81
H31 GOL G . 10.43 -11.55 7.83
H32 GOL G . 10.97 -10.13 7.57
HO3 GOL G . 11.65 -10.85 9.60
C1 GOL H . 17.59 -10.67 -5.92
O1 GOL H . 18.42 -10.46 -7.07
C2 GOL H . 18.39 -10.33 -4.59
O2 GOL H . 19.45 -11.24 -4.41
C3 GOL H . 18.76 -8.82 -4.71
O3 GOL H . 17.92 -8.11 -3.75
H11 GOL H . 17.26 -11.57 -5.86
H12 GOL H . 16.79 -10.11 -5.94
HO1 GOL H . 18.03 -9.86 -7.55
H2 GOL H . 17.87 -10.45 -3.78
HO2 GOL H . 19.88 -10.97 -3.72
H31 GOL H . 18.62 -8.54 -5.62
H32 GOL H . 19.71 -8.71 -4.55
HO3 GOL H . 18.10 -7.27 -3.84
C1 SIN I . 6.78 6.30 -1.56
O1 SIN I . 7.22 7.23 -0.72
O2 SIN I . 6.55 6.46 -2.78
C2 SIN I . 6.38 4.92 -1.13
C3 SIN I . 7.06 3.69 -1.72
C4 SIN I . 6.90 2.62 -0.64
O3 SIN I . 7.32 2.87 0.53
O4 SIN I . 6.38 1.50 -0.90
H21 SIN I . 5.31 4.83 -1.33
H22 SIN I . 6.52 4.87 -0.05
H31 SIN I . 8.11 3.89 -1.94
H32 SIN I . 6.58 3.39 -2.65
#